data_7MEQ
#
_entry.id   7MEQ
#
_cell.length_a   59.445
_cell.length_b   51.425
_cell.length_c   64.353
_cell.angle_alpha   90.000
_cell.angle_beta   91.530
_cell.angle_gamma   90.000
#
_symmetry.space_group_name_H-M   'P 1 21 1'
#
loop_
_entity.id
_entity.type
_entity.pdbx_description
1 polymer 'Transmembrane protease serine 2'
2 branched 2-acetamido-2-deoxy-beta-D-glucopyranose-(1-4)-2-acetamido-2-deoxy-beta-D-glucopyranose
3 non-polymer '4-carbamimidamidobenzoic acid'
4 non-polymer 'UNKNOWN ATOM OR ION'
5 water water
#
_entity_poly.entity_id   1
_entity_poly.type   'polypeptide(L)'
_entity_poly.pdbx_seq_one_letter_code
;MGSKCSNSGIECDSSGTCINPSNWCDGVSHCPGGEDENRCVRLYGPNFILQVYSSQRKSWHPVCQDDWNENYGRAACRDM
GYKNNFYSSQGIVDDSGSTSFMKLNTSAGNVDIYKKLYHSDACSSKAVVSLRCIACGVNLNDDDDKIVGGESALPGAWPW
QVSLHVQNVHVCGGSIITPEWIVTAAHCVEKPLNNPWHWTAFAGILRQSFMFYGAGYQVEKVISHPNYDSKTKNNDIALM
KLQKPLTFNDLVKPVCLPNPGMMLQPEQLCWISGWGATEEKGKTSEVLNAAKVLLIETQRCNSRYVYDNLITPAMICAGF
LQGNVDSCQGDSGGPLVTSKNNIWWLIGDTSWGSGCAKAYRPGVYGNVMVFTDWIYRQMRADGEFVEHHHHHHHH
;
_entity_poly.pdbx_strand_id   A
#
# COMPACT_ATOMS: atom_id res chain seq x y z
N CYS A 40 7.64 13.87 13.08
CA CYS A 40 9.06 13.58 12.82
C CYS A 40 9.52 12.19 13.35
N VAL A 41 8.57 11.23 13.41
CA VAL A 41 8.75 9.84 13.87
C VAL A 41 8.42 8.90 12.70
N ARG A 42 9.33 7.96 12.39
CA ARG A 42 9.14 7.00 11.29
C ARG A 42 9.58 5.56 11.62
N LEU A 43 9.14 4.59 10.79
CA LEU A 43 9.55 3.19 10.86
C LEU A 43 10.50 2.95 9.68
N TYR A 44 11.68 2.37 9.93
CA TYR A 44 12.68 2.17 8.88
C TYR A 44 12.98 0.71 8.54
N GLY A 45 13.01 0.41 7.23
CA GLY A 45 13.35 -0.88 6.67
C GLY A 45 12.37 -2.03 6.91
N PRO A 46 12.74 -3.27 6.48
CA PRO A 46 11.84 -4.42 6.67
C PRO A 46 11.73 -4.92 8.12
N ASN A 47 12.57 -4.41 9.03
CA ASN A 47 12.53 -4.80 10.44
C ASN A 47 11.81 -3.75 11.35
N PHE A 48 11.13 -2.76 10.73
CA PHE A 48 10.35 -1.71 11.40
C PHE A 48 11.10 -1.01 12.54
N ILE A 49 12.37 -0.60 12.28
CA ILE A 49 13.21 0.09 13.26
C ILE A 49 12.67 1.49 13.48
N LEU A 50 12.27 1.80 14.73
CA LEU A 50 11.76 3.11 15.11
C LEU A 50 12.85 4.16 15.03
N GLN A 51 12.61 5.20 14.24
CA GLN A 51 13.55 6.32 14.07
C GLN A 51 12.91 7.69 14.36
N VAL A 52 13.71 8.61 14.92
CA VAL A 52 13.29 9.99 15.25
C VAL A 52 14.28 10.94 14.55
N TYR A 53 13.76 11.98 13.87
CA TYR A 53 14.59 12.93 13.14
C TYR A 53 15.24 14.01 14.03
N SER A 54 16.50 14.36 13.68
CA SER A 54 17.34 15.40 14.27
C SER A 54 17.88 16.29 13.13
N SER A 55 17.64 17.61 13.24
CA SER A 55 18.02 18.66 12.28
C SER A 55 19.50 18.67 11.92
N SER A 59 20.77 13.64 10.92
CA SER A 59 20.04 12.64 10.15
C SER A 59 18.88 12.03 10.98
N TRP A 60 18.54 10.74 10.74
CA TRP A 60 17.53 9.99 11.48
C TRP A 60 18.29 8.97 12.34
N HIS A 61 17.92 8.85 13.62
CA HIS A 61 18.60 7.93 14.52
C HIS A 61 17.62 6.92 15.15
N PRO A 62 18.05 5.65 15.40
CA PRO A 62 17.13 4.69 16.02
C PRO A 62 16.91 4.93 17.51
N VAL A 63 15.74 4.54 18.02
CA VAL A 63 15.35 4.72 19.43
C VAL A 63 15.85 3.56 20.30
N CYS A 64 16.48 3.87 21.45
CA CYS A 64 16.99 2.90 22.43
C CYS A 64 15.84 2.10 23.02
N GLN A 65 16.10 0.82 23.34
CA GLN A 65 15.12 -0.05 23.99
C GLN A 65 15.07 0.29 25.51
N ASP A 66 16.06 1.06 25.99
CA ASP A 66 16.17 1.52 27.38
C ASP A 66 14.87 2.22 27.84
N ASP A 67 14.27 1.70 28.94
CA ASP A 67 13.06 2.18 29.61
C ASP A 67 11.79 2.20 28.71
N TRP A 68 11.88 1.67 27.48
CA TRP A 68 10.79 1.58 26.53
C TRP A 68 9.81 0.48 26.98
N ASN A 69 8.53 0.63 26.62
CA ASN A 69 7.45 -0.31 26.93
C ASN A 69 6.35 -0.20 25.88
N GLU A 70 5.33 -1.08 25.96
CA GLU A 70 4.20 -1.12 25.02
C GLU A 70 3.42 0.20 24.98
N ASN A 71 3.33 0.92 26.12
CA ASN A 71 2.65 2.21 26.25
C ASN A 71 3.35 3.31 25.44
N TYR A 72 4.71 3.31 25.41
CA TYR A 72 5.46 4.26 24.58
C TYR A 72 5.24 3.90 23.08
N GLY A 73 5.20 2.58 22.78
CA GLY A 73 4.93 2.06 21.44
C GLY A 73 3.55 2.43 20.90
N ARG A 74 2.52 2.37 21.79
CA ARG A 74 1.13 2.77 21.50
C ARG A 74 1.08 4.27 21.15
N ALA A 75 1.79 5.08 21.94
CA ALA A 75 1.90 6.53 21.77
C ALA A 75 2.60 6.86 20.42
N ALA A 76 3.67 6.11 20.07
CA ALA A 76 4.37 6.28 18.80
C ALA A 76 3.44 5.94 17.61
N CYS A 77 2.65 4.87 17.73
CA CYS A 77 1.69 4.46 16.70
C CYS A 77 0.57 5.49 16.50
N ARG A 78 0.06 6.07 17.60
CA ARG A 78 -0.95 7.13 17.55
C ARG A 78 -0.41 8.34 16.77
N ASP A 79 0.87 8.74 17.02
CA ASP A 79 1.52 9.85 16.32
C ASP A 79 1.60 9.61 14.81
N MET A 80 1.80 8.34 14.39
CA MET A 80 1.83 7.93 12.98
C MET A 80 0.44 7.81 12.34
N GLY A 81 -0.62 8.14 13.09
CA GLY A 81 -1.99 8.08 12.62
C GLY A 81 -2.65 6.73 12.65
N TYR A 82 -2.11 5.76 13.41
CA TYR A 82 -2.70 4.42 13.48
C TYR A 82 -3.88 4.32 14.43
N LYS A 83 -4.21 5.43 15.11
CA LYS A 83 -5.33 5.59 16.06
C LYS A 83 -5.40 4.45 17.11
N ASN A 84 -6.34 3.51 16.95
CA ASN A 84 -6.59 2.42 17.88
C ASN A 84 -5.81 1.13 17.56
N ASN A 85 -4.95 1.17 16.54
CA ASN A 85 -4.18 -0.01 16.12
C ASN A 85 -2.82 -0.09 16.80
N PHE A 86 -2.48 -1.28 17.28
CA PHE A 86 -1.19 -1.62 17.89
C PHE A 86 -0.94 -3.12 17.75
N TYR A 87 0.29 -3.52 17.45
CA TYR A 87 0.61 -4.94 17.30
C TYR A 87 1.70 -5.42 18.25
N SER A 88 2.91 -4.85 18.14
CA SER A 88 4.06 -5.28 18.94
C SER A 88 5.13 -4.21 19.03
N SER A 89 5.95 -4.31 20.09
CA SER A 89 7.10 -3.46 20.37
C SER A 89 8.15 -4.37 21.03
N GLN A 90 9.33 -4.48 20.41
CA GLN A 90 10.42 -5.35 20.91
C GLN A 90 11.81 -4.83 20.54
N GLY A 91 12.80 -5.21 21.34
CA GLY A 91 14.19 -4.82 21.13
C GLY A 91 14.96 -5.66 20.14
N ILE A 92 15.30 -5.09 18.97
CA ILE A 92 16.07 -5.75 17.92
C ILE A 92 17.57 -5.40 18.02
N VAL A 93 18.46 -6.39 17.82
CA VAL A 93 19.92 -6.19 17.90
C VAL A 93 20.46 -5.81 16.49
N ASP A 94 20.26 -4.54 16.12
CA ASP A 94 20.65 -3.96 14.83
C ASP A 94 21.64 -2.82 15.04
N SER A 100 24.75 6.83 16.54
CA SER A 100 24.01 7.65 17.50
C SER A 100 22.57 7.16 17.64
N PHE A 101 22.01 7.28 18.86
CA PHE A 101 20.65 6.83 19.17
C PHE A 101 19.84 7.87 19.94
N MET A 102 18.51 7.71 19.93
CA MET A 102 17.60 8.57 20.68
C MET A 102 17.19 7.80 21.93
N LYS A 103 17.55 8.32 23.11
CA LYS A 103 17.28 7.66 24.38
C LYS A 103 16.13 8.35 25.13
N LEU A 104 15.32 7.55 25.85
CA LEU A 104 14.19 8.04 26.65
C LEU A 104 14.68 8.77 27.91
N ASN A 105 14.06 9.94 28.19
CA ASN A 105 14.36 10.72 29.39
C ASN A 105 13.34 10.33 30.46
N THR A 106 13.82 9.71 31.55
CA THR A 106 12.98 9.30 32.68
C THR A 106 12.72 10.51 33.61
N SER A 107 12.12 11.57 33.01
CA SER A 107 11.77 12.84 33.64
C SER A 107 10.58 13.47 32.88
N ALA A 108 9.62 14.06 33.65
CA ALA A 108 8.39 14.72 33.18
C ALA A 108 7.54 13.83 32.28
N ILE A 113 5.82 11.82 23.54
CA ILE A 113 6.71 10.70 23.22
C ILE A 113 8.01 11.18 22.56
N TYR A 114 7.89 12.10 21.58
CA TYR A 114 9.02 12.67 20.83
C TYR A 114 9.87 13.63 21.69
N LYS A 115 9.20 14.55 22.42
CA LYS A 115 9.82 15.56 23.28
C LYS A 115 10.56 14.96 24.49
N LYS A 116 10.33 13.66 24.80
CA LYS A 116 10.99 12.98 25.92
C LYS A 116 12.16 12.08 25.45
N LEU A 117 12.80 12.47 24.33
CA LEU A 117 13.96 11.77 23.77
C LEU A 117 15.17 12.70 23.60
N TYR A 118 16.39 12.23 23.96
CA TYR A 118 17.64 12.97 23.80
C TYR A 118 18.70 12.13 23.08
N HIS A 119 19.66 12.80 22.39
CA HIS A 119 20.73 12.13 21.67
C HIS A 119 21.74 11.50 22.62
N SER A 120 22.05 10.21 22.38
CA SER A 120 22.98 9.42 23.18
C SER A 120 23.91 8.61 22.28
N ASP A 121 25.14 8.36 22.75
CA ASP A 121 26.13 7.59 22.00
C ASP A 121 25.85 6.09 22.04
N ALA A 122 25.21 5.61 23.14
CA ALA A 122 24.93 4.17 23.33
C ALA A 122 23.62 3.84 24.06
N CYS A 123 23.06 2.64 23.76
CA CYS A 123 21.89 2.06 24.40
C CYS A 123 22.43 1.07 25.43
N SER A 124 22.17 1.31 26.74
CA SER A 124 22.61 0.41 27.82
C SER A 124 21.97 -0.99 27.73
N SER A 125 20.87 -1.12 26.96
CA SER A 125 20.15 -2.37 26.71
C SER A 125 20.75 -3.12 25.53
N LYS A 126 21.61 -2.43 24.73
CA LYS A 126 22.30 -2.93 23.53
C LYS A 126 21.31 -3.43 22.47
N ALA A 127 20.18 -2.69 22.31
CA ALA A 127 19.11 -3.00 21.35
C ALA A 127 18.29 -1.75 21.02
N VAL A 128 17.70 -1.74 19.82
CA VAL A 128 16.84 -0.64 19.36
C VAL A 128 15.38 -1.10 19.26
N VAL A 129 14.43 -0.16 19.30
CA VAL A 129 13.01 -0.49 19.23
C VAL A 129 12.60 -0.90 17.81
N SER A 130 11.84 -2.01 17.72
CA SER A 130 11.22 -2.52 16.51
C SER A 130 9.73 -2.35 16.81
N LEU A 131 9.05 -1.52 16.01
CA LEU A 131 7.67 -1.18 16.29
C LEU A 131 6.70 -1.54 15.19
N ARG A 132 5.69 -2.34 15.55
CA ARG A 132 4.65 -2.72 14.62
C ARG A 132 3.32 -2.22 15.13
N CYS A 133 2.65 -1.40 14.33
CA CYS A 133 1.39 -0.76 14.68
C CYS A 133 0.16 -1.55 14.29
N ILE A 134 0.30 -2.56 13.44
CA ILE A 134 -0.81 -3.38 12.97
C ILE A 134 -0.28 -4.73 12.45
N ALA A 135 -1.05 -5.80 12.69
CA ALA A 135 -0.77 -7.15 12.20
C ALA A 135 -1.10 -7.07 10.71
N CYS A 136 -0.07 -7.01 9.86
CA CYS A 136 -0.25 -6.89 8.42
C CYS A 136 0.70 -7.79 7.64
N GLY A 137 0.46 -7.89 6.34
CA GLY A 137 1.32 -8.58 5.39
C GLY A 137 1.46 -10.08 5.50
N VAL A 138 0.42 -10.77 5.98
CA VAL A 138 0.37 -12.23 6.11
C VAL A 138 -0.79 -12.75 5.22
N ASN A 139 -0.55 -13.87 4.48
CA ASN A 139 -1.52 -14.51 3.58
C ASN A 139 -1.35 -16.04 3.59
N LEU A 140 -2.14 -16.78 2.76
CA LEU A 140 -2.12 -18.24 2.62
C LEU A 140 -0.69 -18.81 2.58
N ASN A 141 -0.36 -19.66 3.60
CA ASN A 141 0.93 -20.31 3.86
C ASN A 141 1.96 -19.33 4.40
N ILE A 147 -6.46 -8.57 -15.10
CA ILE A 147 -5.11 -9.10 -15.20
C ILE A 147 -5.01 -9.94 -16.47
N VAL A 148 -4.01 -9.68 -17.32
CA VAL A 148 -3.78 -10.48 -18.55
C VAL A 148 -2.66 -11.47 -18.26
N GLY A 149 -2.86 -12.74 -18.64
CA GLY A 149 -1.87 -13.80 -18.52
C GLY A 149 -1.64 -14.30 -17.10
N GLY A 150 -2.63 -14.10 -16.23
CA GLY A 150 -2.57 -14.52 -14.84
C GLY A 150 -3.38 -15.79 -14.56
N GLU A 151 -3.68 -16.03 -13.29
CA GLU A 151 -4.42 -17.22 -12.83
C GLU A 151 -5.35 -16.84 -11.69
N SER A 152 -6.51 -17.54 -11.57
CA SER A 152 -7.48 -17.34 -10.51
C SER A 152 -6.81 -17.33 -9.15
N ALA A 153 -7.11 -16.31 -8.35
CA ALA A 153 -6.61 -16.19 -7.01
C ALA A 153 -7.27 -17.23 -6.11
N LEU A 154 -6.50 -17.76 -5.16
CA LEU A 154 -7.00 -18.73 -4.18
C LEU A 154 -7.59 -17.98 -2.97
N PRO A 155 -8.51 -18.59 -2.19
CA PRO A 155 -9.03 -17.86 -1.01
C PRO A 155 -7.93 -17.59 0.01
N GLY A 156 -7.82 -16.34 0.47
CA GLY A 156 -6.84 -15.92 1.45
C GLY A 156 -5.45 -15.66 0.90
N ALA A 157 -5.24 -15.81 -0.43
CA ALA A 157 -3.94 -15.53 -1.04
C ALA A 157 -3.68 -14.01 -1.09
N TRP A 158 -4.70 -13.20 -1.42
CA TRP A 158 -4.53 -11.73 -1.47
C TRP A 158 -5.63 -11.10 -0.58
N PRO A 159 -5.53 -11.25 0.77
CA PRO A 159 -6.64 -10.86 1.64
C PRO A 159 -6.88 -9.35 1.81
N TRP A 160 -5.96 -8.50 1.33
CA TRP A 160 -6.07 -7.04 1.35
C TRP A 160 -6.81 -6.53 0.12
N GLN A 161 -7.00 -7.40 -0.90
CA GLN A 161 -7.69 -7.01 -2.12
C GLN A 161 -9.17 -6.70 -1.89
N VAL A 162 -9.61 -5.53 -2.39
CA VAL A 162 -11.03 -5.15 -2.38
C VAL A 162 -11.53 -4.83 -3.79
N SER A 163 -12.84 -5.00 -4.00
CA SER A 163 -13.53 -4.62 -5.23
C SER A 163 -14.36 -3.38 -4.83
N LEU A 164 -14.16 -2.27 -5.55
CA LEU A 164 -14.88 -1.03 -5.30
C LEU A 164 -15.98 -0.86 -6.35
N HIS A 165 -17.24 -0.81 -5.87
CA HIS A 165 -18.41 -0.71 -6.70
C HIS A 165 -19.06 0.67 -6.75
N VAL A 166 -19.66 0.99 -7.91
CA VAL A 166 -20.52 2.14 -8.19
C VAL A 166 -21.73 1.58 -8.97
N GLN A 167 -22.97 1.94 -8.55
CA GLN A 167 -24.21 1.47 -9.19
C GLN A 167 -24.22 -0.06 -9.39
N ASN A 168 -23.81 -0.78 -8.32
CA ASN A 168 -23.77 -2.23 -8.21
C ASN A 168 -22.81 -2.94 -9.19
N VAL A 169 -21.77 -2.26 -9.73
CA VAL A 169 -20.80 -2.89 -10.63
C VAL A 169 -19.36 -2.51 -10.25
N HIS A 170 -18.39 -3.44 -10.45
CA HIS A 170 -16.98 -3.19 -10.17
C HIS A 170 -16.49 -2.06 -11.06
N VAL A 171 -15.77 -1.11 -10.46
CA VAL A 171 -15.14 0.01 -11.14
C VAL A 171 -13.61 -0.01 -10.96
N CYS A 172 -13.14 -0.24 -9.74
CA CYS A 172 -11.72 -0.16 -9.41
C CYS A 172 -11.35 -1.14 -8.32
N GLY A 173 -10.04 -1.35 -8.14
CA GLY A 173 -9.47 -2.19 -7.09
C GLY A 173 -9.00 -1.31 -5.95
N GLY A 174 -8.67 -1.92 -4.82
CA GLY A 174 -8.16 -1.27 -3.61
C GLY A 174 -7.41 -2.23 -2.71
N SER A 175 -6.63 -1.66 -1.76
CA SER A 175 -5.78 -2.39 -0.80
C SER A 175 -6.08 -1.98 0.64
N ILE A 176 -6.52 -2.94 1.47
CA ILE A 176 -6.85 -2.72 2.90
C ILE A 176 -5.52 -2.48 3.63
N ILE A 177 -5.41 -1.36 4.36
CA ILE A 177 -4.25 -1.02 5.19
C ILE A 177 -4.63 -1.00 6.69
N THR A 178 -5.93 -0.76 7.04
CA THR A 178 -6.42 -0.80 8.42
C THR A 178 -7.84 -1.33 8.37
N PRO A 179 -8.57 -1.58 9.50
CA PRO A 179 -9.99 -2.02 9.35
C PRO A 179 -10.89 -0.95 8.69
N GLU A 180 -10.44 0.31 8.57
CA GLU A 180 -11.30 1.33 7.96
C GLU A 180 -10.67 2.08 6.79
N TRP A 181 -9.36 1.89 6.53
CA TRP A 181 -8.67 2.59 5.45
C TRP A 181 -8.26 1.71 4.28
N ILE A 182 -8.56 2.19 3.07
CA ILE A 182 -8.28 1.52 1.78
C ILE A 182 -7.46 2.46 0.89
N VAL A 183 -6.39 1.95 0.26
CA VAL A 183 -5.55 2.70 -0.68
C VAL A 183 -6.07 2.38 -2.07
N THR A 184 -6.28 3.41 -2.92
CA THR A 184 -6.74 3.22 -4.31
C THR A 184 -6.09 4.27 -5.20
N ALA A 185 -6.50 4.41 -6.47
CA ALA A 185 -5.90 5.40 -7.37
C ALA A 185 -6.77 6.66 -7.41
N ALA A 186 -6.12 7.84 -7.49
CA ALA A 186 -6.84 9.10 -7.58
C ALA A 186 -7.68 9.18 -8.85
N HIS A 187 -7.23 8.53 -9.96
CA HIS A 187 -8.01 8.58 -11.21
C HIS A 187 -9.36 7.85 -11.07
N CYS A 188 -9.48 6.90 -10.12
CA CYS A 188 -10.74 6.17 -9.87
C CYS A 188 -11.83 7.09 -9.31
N VAL A 189 -11.43 8.11 -8.55
CA VAL A 189 -12.35 9.01 -7.85
C VAL A 189 -12.42 10.39 -8.47
N GLU A 190 -12.04 10.53 -9.74
CA GLU A 190 -12.17 11.80 -10.44
C GLU A 190 -13.66 12.10 -10.61
N LYS A 191 -14.05 13.37 -10.80
CA LYS A 191 -15.45 13.76 -11.00
C LYS A 191 -16.05 12.93 -12.16
N PRO A 192 -17.30 12.43 -12.07
CA PRO A 192 -18.32 12.67 -11.02
C PRO A 192 -18.32 11.66 -9.85
N LEU A 193 -17.25 10.88 -9.70
CA LEU A 193 -17.16 9.87 -8.63
C LEU A 193 -16.28 10.29 -7.48
N ASN A 194 -16.19 11.60 -7.25
CA ASN A 194 -15.38 12.13 -6.15
C ASN A 194 -16.06 12.01 -4.80
N ASN A 195 -17.40 12.05 -4.78
CA ASN A 195 -18.19 11.98 -3.55
C ASN A 195 -18.25 10.56 -3.00
N PRO A 196 -18.12 10.35 -1.68
CA PRO A 196 -18.11 8.97 -1.13
C PRO A 196 -19.43 8.20 -1.23
N TRP A 197 -20.57 8.88 -1.37
CA TRP A 197 -21.87 8.17 -1.41
C TRP A 197 -21.98 7.14 -2.54
N HIS A 198 -21.27 7.38 -3.65
CA HIS A 198 -21.30 6.51 -4.81
C HIS A 198 -20.73 5.12 -4.51
N TRP A 199 -19.76 5.04 -3.60
CA TRP A 199 -18.93 3.87 -3.40
C TRP A 199 -19.27 2.93 -2.29
N THR A 200 -19.04 1.62 -2.56
CA THR A 200 -19.14 0.46 -1.67
C THR A 200 -17.94 -0.47 -1.94
N ALA A 201 -17.42 -1.10 -0.88
CA ALA A 201 -16.27 -2.00 -0.91
C ALA A 201 -16.63 -3.44 -0.56
N PHE A 202 -16.06 -4.41 -1.32
CA PHE A 202 -16.25 -5.86 -1.10
C PHE A 202 -14.89 -6.50 -0.81
N ALA A 203 -14.79 -7.12 0.37
CA ALA A 203 -13.58 -7.77 0.90
C ALA A 203 -13.86 -9.26 1.13
N GLY A 204 -12.83 -10.08 0.94
CA GLY A 204 -12.88 -11.53 1.18
C GLY A 204 -13.76 -12.37 0.29
N ILE A 205 -14.21 -11.79 -0.84
CA ILE A 205 -15.09 -12.44 -1.84
C ILE A 205 -14.31 -12.45 -3.16
N LEU A 206 -14.05 -13.65 -3.74
CA LEU A 206 -13.27 -13.78 -4.98
C LEU A 206 -14.07 -13.47 -6.23
N ARG A 207 -15.39 -13.67 -6.14
CA ARG A 207 -16.31 -13.61 -7.27
C ARG A 207 -17.29 -12.46 -7.25
N GLN A 208 -17.39 -11.72 -8.38
CA GLN A 208 -18.34 -10.61 -8.56
C GLN A 208 -19.80 -11.03 -8.38
N SER A 209 -20.17 -12.27 -8.76
CA SER A 209 -21.54 -12.78 -8.63
C SER A 209 -21.92 -13.07 -7.16
N PHE A 210 -20.93 -13.09 -6.26
CA PHE A 210 -21.12 -13.32 -4.83
C PHE A 210 -21.06 -12.00 -4.03
N MET A 211 -21.06 -10.85 -4.73
CA MET A 211 -21.03 -9.48 -4.17
C MET A 211 -22.44 -8.89 -4.33
N PHE A 212 -23.28 -9.15 -3.33
CA PHE A 212 -24.69 -8.75 -3.34
C PHE A 212 -24.91 -7.32 -2.88
N TYR A 213 -25.88 -6.64 -3.54
CA TYR A 213 -26.33 -5.27 -3.20
C TYR A 213 -26.83 -5.27 -1.76
N GLY A 214 -26.35 -4.30 -1.00
CA GLY A 214 -26.68 -4.14 0.40
C GLY A 214 -25.69 -4.79 1.35
N ALA A 215 -24.82 -5.69 0.82
CA ALA A 215 -23.78 -6.43 1.56
C ALA A 215 -22.37 -5.81 1.52
N GLY A 216 -22.18 -4.75 0.74
CA GLY A 216 -20.90 -4.08 0.66
C GLY A 216 -20.68 -3.12 1.81
N TYR A 217 -19.47 -2.62 1.98
CA TYR A 217 -19.13 -1.64 3.02
C TYR A 217 -19.22 -0.27 2.40
N GLN A 218 -20.16 0.54 2.91
CA GLN A 218 -20.30 1.91 2.43
C GLN A 218 -19.01 2.68 2.71
N VAL A 219 -18.55 3.44 1.71
CA VAL A 219 -17.42 4.37 1.85
C VAL A 219 -17.97 5.71 2.47
N GLU A 220 -17.29 6.23 3.50
CA GLU A 220 -17.67 7.48 4.14
C GLU A 220 -16.80 8.67 3.73
N LYS A 221 -15.51 8.43 3.37
CA LYS A 221 -14.60 9.51 2.99
C LYS A 221 -13.74 9.16 1.81
N VAL A 222 -13.46 10.16 0.94
CA VAL A 222 -12.62 9.98 -0.26
C VAL A 222 -11.60 11.12 -0.23
N ILE A 223 -10.27 10.83 -0.33
CA ILE A 223 -9.23 11.88 -0.28
C ILE A 223 -8.23 11.61 -1.41
N SER A 224 -8.10 12.55 -2.37
CA SER A 224 -7.17 12.41 -3.50
C SER A 224 -5.88 13.14 -3.11
N HIS A 225 -4.72 12.68 -3.61
CA HIS A 225 -3.44 13.33 -3.32
C HIS A 225 -3.52 14.80 -3.80
N PRO A 226 -3.01 15.80 -3.01
CA PRO A 226 -3.11 17.22 -3.47
C PRO A 226 -2.37 17.53 -4.76
N ASN A 227 -1.33 16.71 -5.09
CA ASN A 227 -0.53 16.89 -6.30
C ASN A 227 -0.95 15.95 -7.44
N TYR A 228 -2.16 15.33 -7.34
CA TYR A 228 -2.61 14.48 -8.45
C TYR A 228 -2.82 15.37 -9.69
N ASP A 229 -2.28 14.93 -10.81
CA ASP A 229 -2.35 15.60 -12.11
C ASP A 229 -3.03 14.62 -13.04
N SER A 230 -4.27 14.93 -13.43
CA SER A 230 -5.10 14.07 -14.27
C SER A 230 -4.61 13.92 -15.71
N LYS A 231 -3.82 14.87 -16.23
CA LYS A 231 -3.29 14.79 -17.60
C LYS A 231 -2.16 13.75 -17.70
N THR A 232 -1.19 13.84 -16.78
CA THR A 232 -0.01 12.96 -16.75
C THR A 232 -0.16 11.72 -15.85
N LYS A 233 -1.17 11.71 -14.98
CA LYS A 233 -1.43 10.68 -13.96
C LYS A 233 -0.33 10.69 -12.87
N ASN A 234 0.38 11.82 -12.70
CA ASN A 234 1.39 11.91 -11.64
C ASN A 234 0.69 11.95 -10.27
N ASN A 235 1.27 11.28 -9.24
CA ASN A 235 0.72 11.23 -7.87
C ASN A 235 -0.68 10.63 -7.86
N ASP A 236 -0.84 9.53 -8.62
CA ASP A 236 -2.13 8.86 -8.77
C ASP A 236 -2.45 7.95 -7.57
N ILE A 237 -2.83 8.56 -6.45
CA ILE A 237 -3.17 7.86 -5.21
C ILE A 237 -4.31 8.57 -4.47
N ALA A 238 -5.24 7.78 -3.90
CA ALA A 238 -6.35 8.27 -3.11
C ALA A 238 -6.62 7.31 -1.98
N LEU A 239 -7.25 7.81 -0.92
CA LEU A 239 -7.63 6.98 0.23
C LEU A 239 -9.13 6.91 0.33
N MET A 240 -9.66 5.78 0.79
CA MET A 240 -11.09 5.70 1.08
C MET A 240 -11.25 5.23 2.53
N LYS A 241 -12.14 5.88 3.29
CA LYS A 241 -12.40 5.44 4.65
C LYS A 241 -13.81 4.83 4.66
N LEU A 242 -13.96 3.65 5.28
CA LEU A 242 -15.24 2.99 5.39
C LEU A 242 -16.03 3.50 6.57
N GLN A 243 -17.37 3.50 6.43
CA GLN A 243 -18.32 3.92 7.45
C GLN A 243 -18.25 2.97 8.66
N LYS A 244 -18.11 1.65 8.41
CA LYS A 244 -18.07 0.60 9.44
C LYS A 244 -16.76 -0.20 9.27
N PRO A 245 -16.02 -0.50 10.37
CA PRO A 245 -14.75 -1.23 10.19
C PRO A 245 -14.95 -2.68 9.78
N LEU A 246 -13.99 -3.18 9.01
CA LEU A 246 -13.96 -4.56 8.54
C LEU A 246 -13.61 -5.50 9.68
N THR A 247 -14.06 -6.74 9.56
CA THR A 247 -13.78 -7.82 10.50
C THR A 247 -12.66 -8.62 9.83
N PHE A 248 -11.48 -8.62 10.44
CA PHE A 248 -10.34 -9.39 9.92
C PHE A 248 -10.46 -10.87 10.31
N ASN A 249 -10.10 -11.75 9.37
CA ASN A 249 -10.15 -13.21 9.47
C ASN A 249 -9.14 -13.81 8.48
N ASP A 250 -9.20 -15.12 8.16
CA ASP A 250 -8.23 -15.69 7.22
C ASP A 250 -8.42 -15.22 5.78
N LEU A 251 -9.55 -14.57 5.46
CA LEU A 251 -9.87 -14.07 4.11
C LEU A 251 -9.73 -12.55 3.93
N VAL A 252 -9.73 -11.81 5.04
CA VAL A 252 -9.70 -10.33 5.06
C VAL A 252 -8.64 -9.91 6.05
N LYS A 253 -7.58 -9.28 5.56
CA LYS A 253 -6.43 -8.85 6.35
C LYS A 253 -5.73 -7.67 5.64
N PRO A 254 -5.02 -6.79 6.36
CA PRO A 254 -4.31 -5.72 5.64
C PRO A 254 -2.93 -6.13 5.11
N VAL A 255 -2.44 -5.35 4.12
CA VAL A 255 -1.10 -5.43 3.55
C VAL A 255 -0.29 -4.35 4.30
N CYS A 256 1.05 -4.51 4.47
CA CYS A 256 1.84 -3.51 5.18
C CYS A 256 2.20 -2.35 4.28
N LEU A 257 2.14 -1.12 4.84
CA LEU A 257 2.59 0.06 4.11
C LEU A 257 4.14 -0.04 4.02
N PRO A 258 4.73 0.36 2.87
CA PRO A 258 6.19 0.27 2.74
C PRO A 258 6.93 1.32 3.57
N ASN A 259 8.02 0.90 4.23
CA ASN A 259 8.84 1.78 5.06
C ASN A 259 9.98 2.36 4.24
N PRO A 260 10.49 3.58 4.54
CA PRO A 260 11.70 4.03 3.82
C PRO A 260 12.81 3.01 4.10
N GLY A 261 13.67 2.79 3.10
CA GLY A 261 14.78 1.86 3.22
C GLY A 261 14.42 0.41 3.01
N MET A 262 13.39 0.12 2.18
CA MET A 262 13.02 -1.29 1.84
C MET A 262 14.18 -2.00 1.12
N MET A 263 14.98 -1.24 0.35
CA MET A 263 16.14 -1.72 -0.43
C MET A 263 15.74 -2.84 -1.39
N LEU A 264 14.69 -2.58 -2.18
CA LEU A 264 14.23 -3.58 -3.14
C LEU A 264 15.25 -3.80 -4.25
N GLN A 265 15.25 -5.01 -4.86
CA GLN A 265 16.13 -5.33 -5.98
C GLN A 265 15.68 -4.49 -7.20
N PRO A 266 16.59 -4.10 -8.12
CA PRO A 266 16.17 -3.30 -9.30
C PRO A 266 15.00 -3.93 -10.07
N GLU A 267 14.97 -5.27 -10.12
CA GLU A 267 13.91 -6.05 -10.77
C GLU A 267 13.21 -6.96 -9.76
N GLN A 268 12.84 -6.40 -8.59
CA GLN A 268 12.18 -7.12 -7.50
C GLN A 268 10.97 -7.89 -8.01
N LEU A 269 10.80 -9.16 -7.57
CA LEU A 269 9.67 -10.04 -7.89
C LEU A 269 8.46 -9.58 -7.11
N CYS A 270 7.39 -9.22 -7.83
CA CYS A 270 6.14 -8.69 -7.25
C CYS A 270 4.93 -9.45 -7.81
N TRP A 271 3.77 -9.22 -7.21
CA TRP A 271 2.49 -9.78 -7.65
C TRP A 271 1.46 -8.66 -7.81
N ILE A 272 0.58 -8.85 -8.79
CA ILE A 272 -0.57 -7.94 -9.02
C ILE A 272 -1.81 -8.81 -8.97
N SER A 273 -2.91 -8.23 -8.52
CA SER A 273 -4.19 -8.94 -8.48
C SER A 273 -5.33 -7.96 -8.81
N GLY A 274 -6.44 -8.49 -9.33
CA GLY A 274 -7.58 -7.66 -9.68
C GLY A 274 -8.64 -8.37 -10.51
N TRP A 275 -9.74 -7.66 -10.73
CA TRP A 275 -10.90 -8.09 -11.51
C TRP A 275 -10.91 -7.38 -12.89
N GLY A 276 -9.76 -6.85 -13.31
CA GLY A 276 -9.62 -6.22 -14.62
C GLY A 276 -9.78 -7.19 -15.78
N ALA A 277 -10.01 -6.67 -16.98
CA ALA A 277 -10.10 -7.46 -18.21
C ALA A 277 -8.88 -8.41 -18.37
N THR A 278 -9.11 -9.62 -18.93
CA THR A 278 -8.08 -10.65 -19.16
C THR A 278 -7.45 -10.55 -20.58
N GLU A 279 -7.85 -9.52 -21.33
CA GLU A 279 -7.40 -9.19 -22.68
C GLU A 279 -7.77 -7.72 -22.92
N GLU A 280 -7.00 -7.04 -23.77
CA GLU A 280 -7.25 -5.63 -24.09
C GLU A 280 -8.66 -5.48 -24.68
N LYS A 281 -9.38 -4.41 -24.27
CA LYS A 281 -10.76 -4.13 -24.69
C LYS A 281 -11.80 -5.18 -24.20
N GLY A 282 -11.40 -6.04 -23.26
CA GLY A 282 -12.26 -7.07 -22.69
C GLY A 282 -13.11 -6.55 -21.54
N LYS A 283 -14.06 -7.36 -21.07
CA LYS A 283 -14.95 -7.01 -19.97
C LYS A 283 -14.33 -7.38 -18.62
N THR A 284 -14.83 -6.79 -17.52
CA THR A 284 -14.46 -7.08 -16.12
C THR A 284 -14.46 -8.61 -15.90
N SER A 285 -13.43 -9.11 -15.24
CA SER A 285 -13.34 -10.51 -14.92
C SER A 285 -14.30 -10.80 -13.76
N GLU A 286 -15.05 -11.89 -13.89
CA GLU A 286 -15.99 -12.33 -12.84
C GLU A 286 -15.18 -12.83 -11.62
N VAL A 287 -13.98 -13.38 -11.86
CA VAL A 287 -13.13 -13.95 -10.81
C VAL A 287 -11.91 -13.08 -10.53
N LEU A 288 -11.42 -13.13 -9.29
CA LEU A 288 -10.19 -12.41 -8.97
C LEU A 288 -9.00 -13.19 -9.55
N ASN A 289 -8.11 -12.47 -10.28
CA ASN A 289 -6.91 -13.06 -10.89
C ASN A 289 -5.67 -12.45 -10.29
N ALA A 290 -4.57 -13.19 -10.36
CA ALA A 290 -3.31 -12.69 -9.81
C ALA A 290 -2.16 -13.11 -10.72
N ALA A 291 -1.09 -12.29 -10.78
CA ALA A 291 0.06 -12.63 -11.62
C ALA A 291 1.37 -12.12 -11.07
N LYS A 292 2.44 -12.88 -11.34
CA LYS A 292 3.78 -12.43 -10.95
C LYS A 292 4.26 -11.44 -12.01
N VAL A 293 4.88 -10.34 -11.55
CA VAL A 293 5.46 -9.28 -12.39
C VAL A 293 6.81 -8.87 -11.77
N LEU A 294 7.74 -8.39 -12.58
CA LEU A 294 9.01 -7.91 -12.04
C LEU A 294 9.03 -6.40 -12.18
N LEU A 295 9.71 -5.71 -11.25
CA LEU A 295 9.87 -4.26 -11.38
C LEU A 295 10.73 -4.00 -12.63
N ILE A 296 10.48 -2.92 -13.35
CA ILE A 296 11.28 -2.56 -14.52
C ILE A 296 12.02 -1.28 -14.12
N GLU A 297 13.40 -1.24 -14.23
CA GLU A 297 14.16 -0.05 -13.82
C GLU A 297 13.62 1.20 -14.53
N THR A 298 13.45 2.33 -13.79
CA THR A 298 12.90 3.57 -14.32
C THR A 298 13.67 4.08 -15.53
N GLN A 299 15.04 4.02 -15.51
CA GLN A 299 15.88 4.44 -16.64
C GLN A 299 15.48 3.62 -17.90
N ARG A 300 15.26 2.32 -17.75
CA ARG A 300 14.81 1.47 -18.86
C ARG A 300 13.37 1.83 -19.26
N CYS A 301 12.47 2.00 -18.29
CA CYS A 301 11.09 2.36 -18.58
C CYS A 301 10.93 3.72 -19.28
N ASN A 302 11.89 4.64 -19.03
CA ASN A 302 11.91 6.00 -19.59
C ASN A 302 12.58 6.10 -20.96
N SER A 303 13.18 4.98 -21.46
CA SER A 303 13.84 4.95 -22.76
C SER A 303 12.87 5.26 -23.91
N ARG A 304 13.42 5.79 -25.03
CA ARG A 304 12.68 6.22 -26.23
C ARG A 304 11.69 5.19 -26.76
N TYR A 305 12.05 3.89 -26.69
CA TYR A 305 11.23 2.79 -27.19
C TYR A 305 10.17 2.30 -26.16
N VAL A 306 10.24 2.77 -24.89
CA VAL A 306 9.25 2.37 -23.89
C VAL A 306 8.29 3.56 -23.61
N TYR A 307 8.46 4.31 -22.50
CA TYR A 307 7.52 5.41 -22.23
C TYR A 307 8.16 6.79 -22.41
N ASP A 308 9.33 6.88 -23.07
CA ASP A 308 10.05 8.11 -23.40
C ASP A 308 9.87 9.28 -22.38
N ASN A 309 10.59 9.19 -21.25
CA ASN A 309 10.66 10.19 -20.17
C ASN A 309 9.32 10.56 -19.47
N LEU A 310 8.28 9.71 -19.54
CA LEU A 310 7.00 9.99 -18.85
C LEU A 310 6.94 9.43 -17.40
N ILE A 311 7.97 8.69 -16.97
CA ILE A 311 8.00 8.06 -15.65
C ILE A 311 8.68 8.94 -14.63
N THR A 312 7.89 9.48 -13.71
CA THR A 312 8.39 10.39 -12.70
C THR A 312 8.83 9.60 -11.43
N PRO A 313 9.45 10.25 -10.39
CA PRO A 313 9.80 9.53 -9.14
C PRO A 313 8.57 9.08 -8.34
N ALA A 314 7.37 9.58 -8.69
CA ALA A 314 6.14 9.18 -8.03
C ALA A 314 5.49 7.93 -8.72
N MET A 315 6.20 7.34 -9.70
CA MET A 315 5.74 6.19 -10.51
C MET A 315 6.80 5.08 -10.51
N ILE A 316 6.35 3.83 -10.63
CA ILE A 316 7.16 2.60 -10.73
C ILE A 316 6.59 1.82 -11.91
N CYS A 317 7.47 1.22 -12.74
CA CYS A 317 7.04 0.33 -13.82
C CYS A 317 7.22 -1.11 -13.36
N ALA A 318 6.30 -2.00 -13.78
CA ALA A 318 6.37 -3.43 -13.48
C ALA A 318 5.68 -4.19 -14.59
N GLY A 319 6.17 -5.38 -14.85
CA GLY A 319 5.62 -6.25 -15.89
C GLY A 319 6.73 -6.91 -16.66
N PHE A 320 6.57 -7.03 -18.01
CA PHE A 320 7.57 -7.66 -18.90
C PHE A 320 7.61 -6.87 -20.19
N LEU A 321 8.81 -6.53 -20.68
CA LEU A 321 8.93 -5.75 -21.92
C LEU A 321 8.47 -6.51 -23.17
N GLN A 322 8.41 -7.86 -23.11
CA GLN A 322 7.86 -8.69 -24.19
C GLN A 322 6.30 -8.70 -24.12
N GLY A 323 5.73 -8.15 -23.05
CA GLY A 323 4.29 -8.13 -22.83
C GLY A 323 3.79 -9.46 -22.30
N ASN A 324 2.52 -9.81 -22.67
CA ASN A 324 1.78 -11.04 -22.37
C ASN A 324 1.21 -11.14 -20.93
N VAL A 325 1.87 -10.58 -19.93
CA VAL A 325 1.44 -10.57 -18.52
C VAL A 325 1.41 -9.11 -18.10
N ASP A 326 0.24 -8.61 -17.62
CA ASP A 326 0.08 -7.19 -17.25
C ASP A 326 -1.23 -6.94 -16.52
N SER A 327 -1.39 -5.71 -16.00
CA SER A 327 -2.62 -5.24 -15.41
C SER A 327 -3.47 -4.72 -16.60
N CYS A 328 -4.76 -4.54 -16.41
CA CYS A 328 -5.64 -4.06 -17.48
C CYS A 328 -6.80 -3.24 -16.90
N GLN A 329 -7.69 -2.67 -17.76
CA GLN A 329 -8.87 -1.86 -17.36
C GLN A 329 -9.69 -2.60 -16.27
N GLY A 330 -9.89 -1.96 -15.11
CA GLY A 330 -10.57 -2.55 -13.97
C GLY A 330 -9.62 -3.01 -12.87
N ASP A 331 -8.31 -3.17 -13.18
CA ASP A 331 -7.31 -3.51 -12.14
C ASP A 331 -6.84 -2.28 -11.36
N SER A 332 -7.03 -1.10 -11.97
CA SER A 332 -6.58 0.19 -11.45
C SER A 332 -7.03 0.45 -10.03
N GLY A 333 -6.12 1.00 -9.23
CA GLY A 333 -6.31 1.26 -7.82
C GLY A 333 -5.85 0.09 -6.95
N GLY A 334 -5.73 -1.09 -7.57
CA GLY A 334 -5.35 -2.33 -6.89
C GLY A 334 -3.90 -2.46 -6.47
N PRO A 335 -3.57 -3.58 -5.80
CA PRO A 335 -2.20 -3.76 -5.28
C PRO A 335 -1.12 -4.27 -6.24
N LEU A 336 0.12 -3.82 -5.96
CA LEU A 336 1.37 -4.30 -6.52
C LEU A 336 2.15 -4.59 -5.23
N VAL A 337 2.33 -5.86 -4.91
CA VAL A 337 2.93 -6.26 -3.63
C VAL A 337 4.22 -7.07 -3.79
N THR A 338 5.09 -7.09 -2.77
CA THR A 338 6.30 -7.93 -2.76
C THR A 338 6.47 -8.55 -1.37
N SER A 339 7.17 -9.67 -1.32
CA SER A 339 7.45 -10.36 -0.08
C SER A 339 8.90 -10.14 0.28
N LYS A 340 9.15 -9.64 1.49
CA LYS A 340 10.51 -9.42 2.00
C LYS A 340 10.48 -9.54 3.51
N ASN A 341 11.49 -10.25 4.10
CA ASN A 341 11.57 -10.51 5.55
C ASN A 341 10.26 -11.20 6.05
N ASN A 342 9.65 -12.06 5.19
CA ASN A 342 8.41 -12.82 5.41
C ASN A 342 7.17 -11.93 5.67
N ILE A 343 7.14 -10.76 5.00
CA ILE A 343 6.03 -9.82 5.11
C ILE A 343 5.65 -9.39 3.68
N TRP A 344 4.32 -9.26 3.39
CA TRP A 344 3.86 -8.70 2.11
C TRP A 344 3.71 -7.17 2.28
N TRP A 345 4.38 -6.39 1.41
CA TRP A 345 4.42 -4.92 1.42
C TRP A 345 3.71 -4.35 0.20
N LEU A 346 2.98 -3.24 0.38
CA LEU A 346 2.28 -2.57 -0.73
C LEU A 346 3.27 -1.66 -1.44
N ILE A 347 3.82 -2.11 -2.55
CA ILE A 347 4.83 -1.33 -3.29
C ILE A 347 4.19 -0.33 -4.23
N GLY A 348 3.10 -0.72 -4.85
CA GLY A 348 2.42 0.16 -5.79
C GLY A 348 0.92 0.03 -5.84
N ASP A 349 0.28 1.04 -6.48
CA ASP A 349 -1.14 1.03 -6.78
C ASP A 349 -1.27 1.13 -8.31
N THR A 350 -2.01 0.20 -8.93
CA THR A 350 -2.21 0.12 -10.39
C THR A 350 -2.71 1.49 -10.91
N SER A 351 -1.91 2.14 -11.75
CA SER A 351 -2.21 3.49 -12.22
C SER A 351 -2.56 3.58 -13.72
N TRP A 352 -1.60 3.27 -14.63
CA TRP A 352 -1.81 3.42 -16.09
C TRP A 352 -0.88 2.58 -16.96
N GLY A 353 -1.08 2.69 -18.27
CA GLY A 353 -0.33 2.03 -19.34
C GLY A 353 -1.01 2.19 -20.69
N SER A 354 -0.25 2.06 -21.81
CA SER A 354 -0.81 2.11 -23.18
C SER A 354 -1.26 0.70 -23.49
N GLY A 355 -2.57 0.52 -23.69
CA GLY A 355 -3.17 -0.79 -23.93
C GLY A 355 -2.93 -1.71 -22.76
N CYS A 356 -2.96 -3.02 -23.00
CA CYS A 356 -2.76 -4.06 -21.98
C CYS A 356 -1.88 -5.16 -22.56
N ALA A 357 -0.85 -5.61 -21.80
CA ALA A 357 0.07 -6.73 -22.14
C ALA A 357 0.78 -6.64 -23.50
N LYS A 358 0.91 -5.40 -24.05
CA LYS A 358 1.57 -5.11 -25.31
C LYS A 358 3.06 -5.00 -25.08
N ALA A 359 3.87 -5.43 -26.06
CA ALA A 359 5.33 -5.35 -26.01
C ALA A 359 5.77 -3.88 -25.87
N TYR A 360 6.76 -3.62 -24.99
CA TYR A 360 7.34 -2.29 -24.72
C TYR A 360 6.33 -1.27 -24.13
N ARG A 361 5.13 -1.75 -23.69
CA ARG A 361 4.11 -0.91 -23.05
C ARG A 361 3.73 -1.58 -21.69
N PRO A 362 4.64 -1.59 -20.68
CA PRO A 362 4.28 -2.24 -19.40
C PRO A 362 3.34 -1.41 -18.49
N GLY A 363 3.09 -1.97 -17.31
CA GLY A 363 2.25 -1.34 -16.32
C GLY A 363 2.99 -0.27 -15.55
N VAL A 364 2.29 0.83 -15.22
CA VAL A 364 2.83 1.95 -14.44
C VAL A 364 1.98 2.03 -13.14
N TYR A 365 2.67 2.09 -11.99
CA TYR A 365 2.02 2.07 -10.67
C TYR A 365 2.45 3.26 -9.86
N GLY A 366 1.57 3.75 -8.97
CA GLY A 366 1.96 4.83 -8.06
C GLY A 366 3.01 4.30 -7.10
N ASN A 367 4.08 5.06 -6.87
CA ASN A 367 5.18 4.66 -5.97
C ASN A 367 4.71 4.93 -4.55
N VAL A 368 4.08 3.91 -3.90
CA VAL A 368 3.44 4.02 -2.58
C VAL A 368 4.43 4.52 -1.49
N MET A 369 5.71 4.13 -1.59
CA MET A 369 6.74 4.56 -0.66
C MET A 369 6.86 6.08 -0.56
N VAL A 370 6.65 6.77 -1.70
CA VAL A 370 6.72 8.23 -1.82
C VAL A 370 5.52 8.90 -1.09
N PHE A 371 4.38 8.19 -1.02
CA PHE A 371 3.12 8.65 -0.46
C PHE A 371 2.80 8.25 1.01
N THR A 372 3.63 7.38 1.65
CA THR A 372 3.41 6.84 3.00
C THR A 372 3.25 7.94 4.08
N ASP A 373 4.02 9.03 4.01
CA ASP A 373 3.89 10.04 5.06
C ASP A 373 2.65 10.92 4.83
N TRP A 374 2.26 11.15 3.55
CA TRP A 374 0.99 11.80 3.24
C TRP A 374 -0.17 10.90 3.78
N ILE A 375 -0.10 9.56 3.57
CA ILE A 375 -1.12 8.62 4.09
C ILE A 375 -1.24 8.74 5.62
N TYR A 376 -0.10 8.67 6.34
CA TYR A 376 -0.07 8.79 7.81
C TYR A 376 -0.78 10.02 8.30
N ARG A 377 -0.54 11.17 7.65
CA ARG A 377 -1.13 12.48 8.01
C ARG A 377 -2.65 12.51 7.81
N GLN A 378 -3.15 11.87 6.73
CA GLN A 378 -4.60 11.83 6.47
C GLN A 378 -5.29 10.95 7.51
N MET A 379 -4.64 9.84 7.90
CA MET A 379 -5.19 8.93 8.91
C MET A 379 -5.20 9.60 10.27
N ARG A 380 -4.14 10.37 10.56
CA ARG A 380 -4.04 11.13 11.82
C ARG A 380 -5.09 12.26 11.87
N ALA A 381 -5.28 12.99 10.74
CA ALA A 381 -6.21 14.12 10.61
C ALA A 381 -7.65 13.71 10.81
N ASP A 382 -7.99 12.46 10.51
CA ASP A 382 -9.34 11.95 10.66
C ASP A 382 -9.66 11.66 12.14
#